data_9GYP
#
_entry.id   9GYP
#
_cell.length_a   77.957
_cell.length_b   46.446
_cell.length_c   63.788
_cell.angle_alpha   90.000
_cell.angle_beta   94.533
_cell.angle_gamma   90.000
#
_symmetry.space_group_name_H-M   'C 1 2 1'
#
loop_
_entity.id
_entity.type
_entity.pdbx_description
1 polymer 'Histidine triad nucleotide-binding protein 1'
2 non-polymer ~{N}-oxidanyl-4-(5~{H}-pyrrolo[1,2-a]quinoxalin-4-yl)benzamide
3 non-polymer 'SULFATE ION'
4 water water
#
_entity_poly.entity_id   1
_entity_poly.type   'polypeptide(L)'
_entity_poly.pdbx_seq_one_letter_code
;MADEIAKAQVARPGGDTIFGKIIRKEIPAKIIFEDDRCLAFHDISPQAPTHFLVIPKKHISQISVAEDDDESLLGHLMIV
GKKCAADLGLNKGYRMVVNEGSDGGQSVYHVHLHVLGGRQMHWPPG
;
_entity_poly.pdbx_strand_id   A,B
#
loop_
_chem_comp.id
_chem_comp.type
_chem_comp.name
_chem_comp.formula
A1IQU non-polymer ~{N}-oxidanyl-4-(5~{H}-pyrrolo[1,2-a]quinoxalin-4-yl)benzamide 'C18 H14 N3 O2 1'
SO4 non-polymer 'SULFATE ION' 'O4 S -2'
#
# COMPACT_ATOMS: atom_id res chain seq x y z
N ARG A 12 -11.02 -11.81 -23.12
CA ARG A 12 -9.82 -11.42 -22.32
C ARG A 12 -10.21 -10.47 -21.18
N PRO A 13 -10.78 -11.02 -20.07
CA PRO A 13 -10.78 -10.38 -18.76
C PRO A 13 -9.41 -10.30 -18.08
N GLY A 14 -9.15 -9.20 -17.34
CA GLY A 14 -7.84 -8.91 -16.78
C GLY A 14 -7.11 -7.80 -17.54
N GLY A 15 -7.61 -7.42 -18.74
CA GLY A 15 -6.96 -6.46 -19.64
C GLY A 15 -5.76 -7.09 -20.38
N ASP A 16 -5.05 -6.29 -21.20
CA ASP A 16 -3.92 -6.81 -21.96
C ASP A 16 -2.60 -6.17 -21.56
N THR A 17 -2.55 -5.57 -20.35
CA THR A 17 -1.26 -5.26 -19.76
C THR A 17 -0.58 -6.60 -19.55
N ILE A 18 0.71 -6.55 -19.27
N ILE A 18 0.73 -6.59 -19.33
CA ILE A 18 1.46 -7.76 -18.98
CA ILE A 18 1.43 -7.82 -18.99
C ILE A 18 0.80 -8.49 -17.81
C ILE A 18 0.71 -8.52 -17.84
N PHE A 19 0.13 -7.76 -16.91
CA PHE A 19 -0.44 -8.37 -15.71
C PHE A 19 -1.73 -9.10 -16.06
N GLY A 20 -2.48 -8.54 -17.01
CA GLY A 20 -3.63 -9.25 -17.53
C GLY A 20 -3.26 -10.58 -18.16
N LYS A 21 -2.16 -10.60 -18.93
CA LYS A 21 -1.66 -11.80 -19.55
C LYS A 21 -1.18 -12.81 -18.51
N ILE A 22 -0.56 -12.33 -17.43
CA ILE A 22 -0.16 -13.24 -16.38
C ILE A 22 -1.39 -13.85 -15.70
N ILE A 23 -2.40 -13.04 -15.40
CA ILE A 23 -3.61 -13.57 -14.80
C ILE A 23 -4.18 -14.72 -15.63
N ARG A 24 -4.17 -14.56 -16.96
CA ARG A 24 -4.75 -15.58 -17.82
C ARG A 24 -3.75 -16.69 -18.21
N LYS A 25 -2.56 -16.70 -17.60
CA LYS A 25 -1.54 -17.74 -17.76
C LYS A 25 -1.04 -17.75 -19.21
N GLU A 26 -1.08 -16.59 -19.87
CA GLU A 26 -0.60 -16.43 -21.24
C GLU A 26 0.89 -16.09 -21.23
N ILE A 27 1.32 -15.46 -20.14
CA ILE A 27 2.73 -15.18 -19.92
C ILE A 27 3.12 -15.81 -18.59
N PRO A 28 4.28 -16.51 -18.50
CA PRO A 28 4.62 -17.22 -17.27
C PRO A 28 5.03 -16.26 -16.16
N ALA A 29 4.79 -16.69 -14.92
CA ALA A 29 5.22 -15.95 -13.74
C ALA A 29 5.43 -16.94 -12.62
N LYS A 30 6.18 -16.48 -11.60
N LYS A 30 6.12 -16.49 -11.56
CA LYS A 30 6.48 -17.27 -10.43
CA LYS A 30 6.38 -17.33 -10.41
C LYS A 30 5.46 -16.94 -9.35
C LYS A 30 5.32 -17.06 -9.34
N ILE A 31 4.40 -17.76 -9.30
N ILE A 31 4.25 -17.87 -9.35
CA ILE A 31 3.20 -17.46 -8.53
CA ILE A 31 3.08 -17.60 -8.53
C ILE A 31 3.35 -18.03 -7.13
C ILE A 31 3.36 -18.05 -7.11
N ILE A 32 3.01 -17.18 -6.17
CA ILE A 32 3.11 -17.44 -4.75
C ILE A 32 1.76 -17.87 -4.22
N PHE A 33 0.73 -17.15 -4.67
CA PHE A 33 -0.61 -17.36 -4.15
C PHE A 33 -1.63 -16.89 -5.17
N GLU A 34 -2.77 -17.60 -5.21
CA GLU A 34 -3.83 -17.20 -6.11
C GLU A 34 -5.19 -17.51 -5.45
N ASP A 35 -6.13 -16.57 -5.54
CA ASP A 35 -7.53 -16.82 -5.23
C ASP A 35 -8.42 -16.20 -6.29
N ASP A 36 -9.73 -16.14 -6.01
CA ASP A 36 -10.68 -15.63 -6.97
C ASP A 36 -10.56 -14.12 -7.21
N ARG A 37 -9.90 -13.39 -6.29
N ARG A 37 -9.89 -13.39 -6.31
CA ARG A 37 -9.84 -11.93 -6.34
CA ARG A 37 -9.83 -11.94 -6.38
C ARG A 37 -8.45 -11.39 -6.71
C ARG A 37 -8.45 -11.39 -6.71
N CYS A 38 -7.39 -12.19 -6.50
CA CYS A 38 -6.03 -11.66 -6.65
C CYS A 38 -4.99 -12.73 -6.96
N LEU A 39 -3.78 -12.25 -7.25
CA LEU A 39 -2.66 -13.08 -7.65
C LEU A 39 -1.41 -12.44 -7.07
N ALA A 40 -0.57 -13.25 -6.45
CA ALA A 40 0.70 -12.79 -5.93
C ALA A 40 1.82 -13.54 -6.66
N PHE A 41 2.81 -12.79 -7.15
CA PHE A 41 3.88 -13.38 -7.94
C PHE A 41 5.14 -12.54 -7.80
N HIS A 42 6.30 -13.15 -8.05
CA HIS A 42 7.58 -12.50 -7.83
C HIS A 42 7.85 -11.47 -8.91
N ASP A 43 8.46 -10.36 -8.55
CA ASP A 43 8.81 -9.33 -9.51
C ASP A 43 10.06 -9.73 -10.32
N ILE A 44 10.06 -9.38 -11.62
N ILE A 44 10.09 -9.45 -11.63
CA ILE A 44 11.10 -9.79 -12.56
CA ILE A 44 11.21 -9.88 -12.45
C ILE A 44 12.36 -8.94 -12.41
C ILE A 44 12.44 -9.02 -12.21
N SER A 45 12.25 -7.79 -11.73
CA SER A 45 13.37 -6.86 -11.50
C SER A 45 13.41 -6.50 -10.03
N PRO A 46 13.71 -7.47 -9.16
CA PRO A 46 13.60 -7.26 -7.72
C PRO A 46 14.58 -6.22 -7.16
N GLN A 47 14.09 -5.43 -6.21
CA GLN A 47 14.80 -4.31 -5.60
C GLN A 47 15.18 -4.66 -4.16
N ALA A 48 14.88 -5.89 -3.75
CA ALA A 48 15.19 -6.39 -2.42
C ALA A 48 15.32 -7.90 -2.55
N PRO A 49 15.95 -8.59 -1.60
CA PRO A 49 16.10 -10.03 -1.66
C PRO A 49 14.80 -10.79 -1.92
N THR A 50 13.71 -10.32 -1.31
CA THR A 50 12.36 -10.74 -1.68
C THR A 50 11.61 -9.52 -2.20
N HIS A 51 11.00 -9.67 -3.37
CA HIS A 51 10.21 -8.58 -3.96
C HIS A 51 9.12 -9.21 -4.81
N PHE A 52 7.86 -9.10 -4.37
CA PHE A 52 6.75 -9.65 -5.12
C PHE A 52 5.63 -8.63 -5.24
N LEU A 53 4.64 -9.00 -6.04
CA LEU A 53 3.54 -8.13 -6.40
C LEU A 53 2.26 -8.83 -6.00
N VAL A 54 1.27 -8.05 -5.55
CA VAL A 54 -0.08 -8.57 -5.37
C VAL A 54 -0.97 -7.71 -6.27
N ILE A 55 -1.75 -8.38 -7.15
CA ILE A 55 -2.58 -7.64 -8.07
C ILE A 55 -4.00 -8.17 -7.99
N PRO A 56 -4.98 -7.30 -8.26
CA PRO A 56 -6.34 -7.78 -8.43
C PRO A 56 -6.51 -8.53 -9.75
N LYS A 57 -7.42 -9.49 -9.79
CA LYS A 57 -7.81 -10.09 -11.07
C LYS A 57 -8.69 -9.12 -11.87
N LYS A 58 -9.56 -8.34 -11.20
CA LYS A 58 -10.27 -7.23 -11.81
C LYS A 58 -9.28 -6.17 -12.32
N HIS A 59 -9.40 -5.75 -13.59
CA HIS A 59 -8.52 -4.73 -14.10
C HIS A 59 -8.98 -3.38 -13.59
N ILE A 60 -8.17 -2.83 -12.69
CA ILE A 60 -8.21 -1.43 -12.28
C ILE A 60 -6.89 -0.86 -12.73
N SER A 61 -6.91 0.25 -13.48
CA SER A 61 -5.68 0.67 -14.12
C SER A 61 -4.69 1.28 -13.13
N GLN A 62 -5.18 1.96 -12.10
CA GLN A 62 -4.34 2.71 -11.17
C GLN A 62 -5.20 3.08 -9.99
N ILE A 63 -4.58 3.33 -8.84
CA ILE A 63 -5.34 3.54 -7.62
C ILE A 63 -6.19 4.80 -7.74
N SER A 64 -5.74 5.80 -8.51
CA SER A 64 -6.48 7.06 -8.60
C SER A 64 -7.88 6.90 -9.20
N VAL A 65 -8.15 5.81 -9.94
CA VAL A 65 -9.46 5.60 -10.53
C VAL A 65 -10.22 4.45 -9.88
N ALA A 66 -9.71 3.91 -8.76
CA ALA A 66 -10.45 2.88 -8.02
C ALA A 66 -11.81 3.43 -7.57
N GLU A 67 -12.83 2.57 -7.65
N GLU A 67 -12.85 2.59 -7.67
CA GLU A 67 -14.19 2.91 -7.22
CA GLU A 67 -14.20 2.95 -7.23
C GLU A 67 -14.30 2.72 -5.70
C GLU A 67 -14.31 2.72 -5.72
N ASP A 68 -15.26 3.42 -5.09
CA ASP A 68 -15.57 3.22 -3.68
C ASP A 68 -15.82 1.75 -3.35
N ASP A 69 -16.50 1.01 -4.22
N ASP A 69 -16.48 1.04 -4.27
CA ASP A 69 -16.81 -0.38 -3.92
CA ASP A 69 -16.84 -0.35 -4.09
C ASP A 69 -15.64 -1.30 -4.27
C ASP A 69 -15.61 -1.27 -4.14
N ASP A 70 -14.44 -0.73 -4.49
CA ASP A 70 -13.22 -1.53 -4.64
C ASP A 70 -12.47 -1.59 -3.32
N GLU A 71 -13.02 -0.97 -2.26
CA GLU A 71 -12.38 -0.96 -0.95
C GLU A 71 -11.96 -2.33 -0.42
N SER A 72 -12.90 -3.27 -0.36
N SER A 72 -12.89 -3.27 -0.37
CA SER A 72 -12.61 -4.60 0.19
CA SER A 72 -12.60 -4.58 0.20
C SER A 72 -11.53 -5.29 -0.62
C SER A 72 -11.54 -5.30 -0.62
N LEU A 73 -11.57 -5.11 -1.95
CA LEU A 73 -10.60 -5.71 -2.84
C LEU A 73 -9.19 -5.16 -2.55
N LEU A 74 -9.09 -3.83 -2.41
CA LEU A 74 -7.80 -3.21 -2.13
C LEU A 74 -7.26 -3.69 -0.78
N GLY A 75 -8.13 -3.77 0.21
CA GLY A 75 -7.81 -4.36 1.50
C GLY A 75 -7.30 -5.78 1.37
N HIS A 76 -7.97 -6.57 0.53
CA HIS A 76 -7.61 -7.96 0.32
C HIS A 76 -6.19 -8.05 -0.24
N LEU A 77 -5.79 -7.11 -1.12
CA LEU A 77 -4.41 -7.13 -1.59
C LEU A 77 -3.42 -7.04 -0.44
N MET A 78 -3.74 -6.21 0.57
N MET A 78 -3.71 -6.20 0.56
CA MET A 78 -2.82 -5.97 1.66
CA MET A 78 -2.80 -5.99 1.67
C MET A 78 -2.80 -7.15 2.63
C MET A 78 -2.78 -7.19 2.61
N ILE A 79 -3.97 -7.74 2.88
CA ILE A 79 -4.05 -8.96 3.71
C ILE A 79 -3.30 -10.11 3.04
N VAL A 80 -3.48 -10.30 1.73
CA VAL A 80 -2.75 -11.34 1.01
C VAL A 80 -1.27 -11.04 0.99
N GLY A 81 -0.91 -9.76 0.82
CA GLY A 81 0.48 -9.37 0.88
C GLY A 81 1.11 -9.75 2.22
N LYS A 82 0.41 -9.47 3.32
CA LYS A 82 1.00 -9.70 4.63
C LYS A 82 1.09 -11.21 4.88
N LYS A 83 0.09 -11.96 4.45
CA LYS A 83 0.12 -13.41 4.60
C LYS A 83 1.28 -14.02 3.82
N CYS A 84 1.43 -13.58 2.57
CA CYS A 84 2.49 -14.07 1.73
C CYS A 84 3.87 -13.75 2.35
N ALA A 85 4.04 -12.54 2.87
CA ALA A 85 5.30 -12.16 3.48
C ALA A 85 5.60 -13.11 4.63
N ALA A 86 4.58 -13.41 5.44
CA ALA A 86 4.79 -14.36 6.53
C ALA A 86 5.19 -15.74 6.00
N ASP A 87 4.49 -16.22 4.99
CA ASP A 87 4.75 -17.54 4.43
C ASP A 87 6.13 -17.63 3.80
N LEU A 88 6.61 -16.50 3.27
CA LEU A 88 7.97 -16.44 2.75
C LEU A 88 9.02 -16.23 3.85
N GLY A 89 8.63 -16.06 5.10
CA GLY A 89 9.65 -15.97 6.15
C GLY A 89 10.29 -14.58 6.30
N LEU A 90 9.56 -13.53 5.91
CA LEU A 90 10.01 -12.17 6.13
C LEU A 90 9.72 -11.69 7.56
N ASN A 91 10.38 -12.34 8.52
N ASN A 91 10.39 -12.29 8.54
CA ASN A 91 10.09 -12.18 9.94
CA ASN A 91 10.02 -12.14 9.95
C ASN A 91 10.48 -10.78 10.42
C ASN A 91 10.67 -10.89 10.57
N LYS A 92 11.50 -10.18 9.80
CA LYS A 92 12.04 -8.91 10.27
C LYS A 92 11.27 -7.73 9.71
N GLY A 93 10.34 -7.98 8.79
CA GLY A 93 9.47 -6.93 8.27
C GLY A 93 9.62 -6.77 6.76
N TYR A 94 8.94 -5.73 6.25
CA TYR A 94 8.85 -5.51 4.82
C TYR A 94 8.21 -4.15 4.59
N ARG A 95 8.19 -3.75 3.31
CA ARG A 95 7.58 -2.53 2.84
C ARG A 95 6.60 -2.87 1.72
N MET A 96 5.40 -2.32 1.85
CA MET A 96 4.38 -2.38 0.83
C MET A 96 4.33 -1.03 0.12
N VAL A 97 4.25 -1.07 -1.23
CA VAL A 97 4.26 0.15 -2.05
C VAL A 97 3.19 0.05 -3.16
N VAL A 98 2.44 1.13 -3.32
CA VAL A 98 1.61 1.32 -4.49
C VAL A 98 2.08 2.58 -5.19
N ASN A 99 2.35 2.46 -6.47
CA ASN A 99 2.80 3.57 -7.30
C ASN A 99 1.66 4.08 -8.16
N GLU A 100 1.48 5.41 -8.21
CA GLU A 100 0.44 6.04 -9.02
C GLU A 100 1.09 7.06 -9.96
N GLY A 101 0.87 6.83 -11.26
CA GLY A 101 1.25 7.81 -12.26
C GLY A 101 2.75 8.00 -12.37
N SER A 102 3.09 9.13 -13.01
CA SER A 102 4.43 9.40 -13.46
C SER A 102 5.33 9.68 -12.27
N ASP A 103 4.91 10.62 -11.43
CA ASP A 103 5.64 10.96 -10.21
C ASP A 103 5.77 9.75 -9.27
N GLY A 104 4.80 8.83 -9.33
CA GLY A 104 4.87 7.65 -8.48
C GLY A 104 5.76 6.55 -9.06
N GLY A 105 6.18 6.71 -10.33
CA GLY A 105 6.97 5.68 -11.00
C GLY A 105 6.16 4.45 -11.41
N GLN A 106 4.85 4.61 -11.69
CA GLN A 106 4.00 3.48 -12.03
C GLN A 106 4.41 2.94 -13.40
N SER A 107 4.73 1.65 -13.48
CA SER A 107 5.38 1.05 -14.66
C SER A 107 4.37 0.28 -15.53
N VAL A 108 3.28 -0.16 -14.92
CA VAL A 108 2.25 -0.97 -15.55
C VAL A 108 0.91 -0.41 -15.07
N TYR A 109 0.00 -0.15 -16.02
CA TYR A 109 -1.29 0.44 -15.66
C TYR A 109 -2.31 -0.67 -15.35
N HIS A 110 -1.98 -1.45 -14.32
CA HIS A 110 -2.87 -2.40 -13.67
C HIS A 110 -2.44 -2.36 -12.21
N VAL A 111 -3.35 -1.99 -11.32
CA VAL A 111 -3.00 -1.74 -9.92
C VAL A 111 -2.12 -2.87 -9.39
N HIS A 112 -1.04 -2.55 -8.66
CA HIS A 112 -0.22 -3.60 -8.09
C HIS A 112 0.40 -3.13 -6.77
N LEU A 113 0.34 -4.00 -5.76
CA LEU A 113 0.99 -3.78 -4.49
C LEU A 113 2.37 -4.44 -4.51
N HIS A 114 3.43 -3.67 -4.42
CA HIS A 114 4.75 -4.23 -4.24
C HIS A 114 4.94 -4.61 -2.77
N VAL A 115 5.65 -5.72 -2.54
CA VAL A 115 6.04 -6.13 -1.20
C VAL A 115 7.52 -6.45 -1.25
N LEU A 116 8.32 -5.70 -0.47
CA LEU A 116 9.77 -5.81 -0.50
C LEU A 116 10.28 -6.16 0.89
N GLY A 117 11.23 -7.09 0.98
CA GLY A 117 11.84 -7.41 2.24
C GLY A 117 13.14 -8.21 2.06
N GLY A 118 13.64 -8.71 3.20
CA GLY A 118 14.88 -9.47 3.24
C GLY A 118 16.12 -8.59 3.39
N ARG A 119 15.92 -7.27 3.49
CA ARG A 119 16.99 -6.34 3.76
C ARG A 119 16.39 -5.16 4.51
N GLN A 120 17.27 -4.33 5.08
CA GLN A 120 16.83 -3.07 5.66
C GLN A 120 16.37 -2.15 4.54
N MET A 121 15.11 -1.69 4.65
CA MET A 121 14.62 -0.66 3.76
C MET A 121 14.92 0.72 4.36
N HIS A 122 15.27 1.66 3.48
CA HIS A 122 15.74 2.98 3.85
C HIS A 122 14.64 4.02 3.70
N TRP A 123 14.92 5.21 4.24
CA TRP A 123 14.02 6.34 4.22
C TRP A 123 14.76 7.53 3.63
N PRO A 124 14.18 8.30 2.69
CA PRO A 124 12.80 8.15 2.24
C PRO A 124 12.57 6.95 1.33
N PRO A 125 11.28 6.55 1.09
CA PRO A 125 10.97 5.42 0.21
C PRO A 125 11.02 5.80 -1.29
N GLY A 126 12.20 6.19 -1.74
CA GLY A 126 12.42 6.83 -3.02
C GLY A 126 12.07 8.31 -2.97
N GLY B 15 -0.65 0.05 25.25
CA GLY B 15 0.29 0.12 24.11
C GLY B 15 0.02 1.37 23.26
N ASP B 16 -0.18 2.53 23.93
CA ASP B 16 -0.58 3.76 23.26
C ASP B 16 0.58 4.26 22.41
N THR B 17 0.26 5.05 21.40
CA THR B 17 1.30 5.69 20.60
C THR B 17 0.94 7.15 20.38
N ILE B 18 1.88 7.87 19.79
CA ILE B 18 1.65 9.25 19.46
C ILE B 18 0.48 9.40 18.48
N PHE B 19 0.23 8.38 17.65
CA PHE B 19 -0.91 8.40 16.74
C PHE B 19 -2.22 8.26 17.50
N GLY B 20 -2.21 7.50 18.60
CA GLY B 20 -3.36 7.44 19.49
C GLY B 20 -3.70 8.82 20.04
N LYS B 21 -2.66 9.58 20.44
CA LYS B 21 -2.84 10.91 20.98
C LYS B 21 -3.39 11.83 19.91
N ILE B 22 -2.96 11.64 18.66
CA ILE B 22 -3.45 12.47 17.58
C ILE B 22 -4.93 12.18 17.34
N ILE B 23 -5.32 10.91 17.33
CA ILE B 23 -6.72 10.54 17.12
C ILE B 23 -7.59 11.11 18.24
N ARG B 24 -7.06 11.13 19.47
CA ARG B 24 -7.81 11.59 20.63
C ARG B 24 -7.78 13.11 20.75
N LYS B 25 -7.07 13.77 19.83
CA LYS B 25 -6.98 15.22 19.73
C LYS B 25 -6.24 15.81 20.92
N GLU B 26 -5.33 15.00 21.51
CA GLU B 26 -4.56 15.43 22.67
C GLU B 26 -3.31 16.20 22.27
N ILE B 27 -2.84 16.04 21.03
CA ILE B 27 -1.75 16.86 20.53
C ILE B 27 -2.14 17.37 19.15
N PRO B 28 -1.53 18.50 18.71
CA PRO B 28 -1.80 19.07 17.40
C PRO B 28 -1.34 18.19 16.24
N ALA B 29 -2.15 18.22 15.19
CA ALA B 29 -1.79 17.65 13.90
C ALA B 29 -2.55 18.44 12.86
N LYS B 30 -1.97 18.59 11.67
CA LYS B 30 -2.69 19.24 10.60
C LYS B 30 -3.57 18.20 9.91
N ILE B 31 -4.85 18.17 10.31
CA ILE B 31 -5.81 17.19 9.82
C ILE B 31 -6.35 17.59 8.45
N ILE B 32 -6.37 16.60 7.56
CA ILE B 32 -6.76 16.81 6.18
C ILE B 32 -8.18 16.29 5.98
N PHE B 33 -8.48 15.16 6.64
CA PHE B 33 -9.75 14.46 6.48
C PHE B 33 -9.97 13.58 7.70
N GLU B 34 -11.24 13.49 8.13
CA GLU B 34 -11.60 12.61 9.22
C GLU B 34 -12.97 11.98 8.91
N ASP B 35 -13.15 10.72 9.27
CA ASP B 35 -14.47 10.15 9.32
C ASP B 35 -14.61 9.36 10.61
N ASP B 36 -15.56 8.45 10.62
CA ASP B 36 -15.85 7.68 11.81
C ASP B 36 -14.80 6.61 12.08
N ARG B 37 -13.96 6.29 11.09
CA ARG B 37 -13.08 5.12 11.22
C ARG B 37 -11.63 5.39 10.81
N CYS B 38 -11.29 6.59 10.33
CA CYS B 38 -9.92 6.88 9.97
C CYS B 38 -9.68 8.38 10.06
N LEU B 39 -8.39 8.74 9.95
CA LEU B 39 -7.93 10.11 10.07
C LEU B 39 -6.77 10.26 9.10
N ALA B 40 -6.76 11.35 8.35
CA ALA B 40 -5.63 11.72 7.49
C ALA B 40 -5.05 13.07 7.92
N PHE B 41 -3.71 13.10 8.00
CA PHE B 41 -3.02 14.28 8.50
C PHE B 41 -1.62 14.34 7.94
N HIS B 42 -1.10 15.56 7.86
CA HIS B 42 0.22 15.78 7.29
C HIS B 42 1.27 15.19 8.21
N ASP B 43 2.29 14.57 7.61
N ASP B 43 2.31 14.59 7.62
CA ASP B 43 3.42 14.00 8.33
CA ASP B 43 3.38 13.98 8.39
C ASP B 43 4.23 15.15 8.93
C ASP B 43 4.34 15.06 8.89
N ILE B 44 4.69 14.96 10.17
CA ILE B 44 5.51 15.98 10.84
C ILE B 44 6.93 16.03 10.29
N SER B 45 7.39 14.94 9.67
N SER B 45 7.38 14.94 9.66
CA SER B 45 8.72 14.85 9.09
CA SER B 45 8.71 14.86 9.07
C SER B 45 8.61 14.55 7.59
C SER B 45 8.58 14.54 7.59
N PRO B 46 8.11 15.50 6.76
CA PRO B 46 7.77 15.19 5.40
C PRO B 46 8.96 14.92 4.50
N GLN B 47 8.82 13.93 3.62
CA GLN B 47 9.90 13.43 2.75
C GLN B 47 9.61 13.81 1.30
N ALA B 48 8.54 14.59 1.09
CA ALA B 48 8.18 15.11 -0.22
C ALA B 48 7.38 16.38 0.01
N PRO B 49 7.14 17.20 -1.04
CA PRO B 49 6.37 18.42 -0.89
C PRO B 49 4.98 18.18 -0.29
N THR B 50 4.34 17.08 -0.70
CA THR B 50 3.16 16.58 -0.01
C THR B 50 3.47 15.21 0.60
N HIS B 51 3.26 15.08 1.90
CA HIS B 51 3.53 13.83 2.60
C HIS B 51 2.56 13.74 3.78
N PHE B 52 1.54 12.88 3.61
CA PHE B 52 0.55 12.72 4.65
C PHE B 52 0.35 11.24 4.97
N LEU B 53 -0.37 11.03 6.06
CA LEU B 53 -0.62 9.71 6.61
C LEU B 53 -2.12 9.50 6.65
N VAL B 54 -2.54 8.26 6.45
CA VAL B 54 -3.92 7.87 6.68
C VAL B 54 -3.88 6.71 7.66
N ILE B 55 -4.58 6.88 8.78
CA ILE B 55 -4.51 5.87 9.82
C ILE B 55 -5.93 5.46 10.23
N PRO B 56 -6.11 4.19 10.65
CA PRO B 56 -7.36 3.74 11.24
C PRO B 56 -7.51 4.28 12.65
N LYS B 57 -8.74 4.55 13.09
CA LYS B 57 -8.94 4.89 14.48
C LYS B 57 -8.83 3.65 15.35
N LYS B 58 -9.14 2.47 14.79
CA LYS B 58 -8.89 1.23 15.51
C LYS B 58 -7.37 1.01 15.66
N HIS B 59 -6.92 0.60 16.85
CA HIS B 59 -5.50 0.42 17.11
C HIS B 59 -5.06 -0.96 16.59
N ILE B 60 -4.69 -1.00 15.32
CA ILE B 60 -3.98 -2.11 14.72
C ILE B 60 -2.50 -1.75 14.80
N SER B 61 -1.69 -2.54 15.53
CA SER B 61 -0.32 -2.15 15.80
C SER B 61 0.55 -2.22 14.55
N GLN B 62 0.30 -3.22 13.69
CA GLN B 62 1.13 -3.43 12.50
C GLN B 62 0.33 -4.25 11.51
N ILE B 63 0.63 -4.06 10.21
CA ILE B 63 -0.16 -4.72 9.20
C ILE B 63 -0.04 -6.24 9.37
N SER B 64 1.09 -6.73 9.91
CA SER B 64 1.31 -8.16 10.02
C SER B 64 0.27 -8.80 10.94
N VAL B 65 -0.37 -8.02 11.83
CA VAL B 65 -1.30 -8.60 12.78
C VAL B 65 -2.72 -8.15 12.44
N ALA B 66 -2.94 -7.58 11.27
CA ALA B 66 -4.29 -7.20 10.86
C ALA B 66 -5.13 -8.46 10.67
N GLU B 67 -6.41 -8.37 11.01
CA GLU B 67 -7.32 -9.50 10.92
C GLU B 67 -7.99 -9.49 9.56
N ASP B 68 -8.47 -10.67 9.12
CA ASP B 68 -9.20 -10.76 7.86
C ASP B 68 -10.36 -9.77 7.80
N ASP B 69 -11.04 -9.56 8.95
N ASP B 69 -11.05 -9.57 8.93
CA ASP B 69 -12.23 -8.70 8.99
CA ASP B 69 -12.23 -8.72 8.93
C ASP B 69 -11.83 -7.22 9.03
C ASP B 69 -11.83 -7.25 8.77
N ASP B 70 -10.52 -6.95 8.93
CA ASP B 70 -10.01 -5.59 8.78
C ASP B 70 -9.85 -5.17 7.32
N GLU B 71 -10.10 -6.10 6.38
N GLU B 71 -10.15 -6.07 6.39
CA GLU B 71 -9.86 -5.87 4.96
CA GLU B 71 -9.80 -5.85 5.00
C GLU B 71 -10.47 -4.57 4.47
C GLU B 71 -10.49 -4.61 4.41
N SER B 72 -11.79 -4.43 4.67
CA SER B 72 -12.50 -3.26 4.21
C SER B 72 -11.89 -1.97 4.76
N LEU B 73 -11.57 -2.01 6.04
CA LEU B 73 -10.98 -0.88 6.73
C LEU B 73 -9.65 -0.51 6.09
N LEU B 74 -8.82 -1.53 5.81
CA LEU B 74 -7.51 -1.28 5.20
C LEU B 74 -7.71 -0.69 3.81
N GLY B 75 -8.63 -1.25 3.02
CA GLY B 75 -8.99 -0.68 1.74
C GLY B 75 -9.49 0.77 1.84
N HIS B 76 -10.28 1.05 2.90
CA HIS B 76 -10.77 2.39 3.17
C HIS B 76 -9.62 3.39 3.32
N LEU B 77 -8.51 2.97 3.95
CA LEU B 77 -7.36 3.86 4.12
C LEU B 77 -6.85 4.29 2.74
N MET B 78 -6.82 3.33 1.80
N MET B 78 -6.79 3.34 1.79
CA MET B 78 -6.29 3.57 0.47
CA MET B 78 -6.28 3.63 0.45
C MET B 78 -7.23 4.45 -0.36
C MET B 78 -7.25 4.51 -0.34
N ILE B 79 -8.54 4.24 -0.24
CA ILE B 79 -9.53 5.04 -0.95
C ILE B 79 -9.50 6.49 -0.43
N VAL B 80 -9.51 6.66 0.91
CA VAL B 80 -9.34 7.98 1.51
C VAL B 80 -8.02 8.59 1.06
N GLY B 81 -6.94 7.83 1.08
CA GLY B 81 -5.67 8.38 0.64
C GLY B 81 -5.71 8.91 -0.80
N LYS B 82 -6.31 8.14 -1.70
CA LYS B 82 -6.33 8.56 -3.10
C LYS B 82 -7.25 9.79 -3.26
N LYS B 83 -8.35 9.85 -2.52
CA LYS B 83 -9.23 11.01 -2.56
C LYS B 83 -8.53 12.25 -2.01
N CYS B 84 -7.84 12.12 -0.88
CA CYS B 84 -7.04 13.22 -0.34
C CYS B 84 -5.97 13.67 -1.32
N ALA B 85 -5.28 12.74 -1.97
CA ALA B 85 -4.24 13.15 -2.92
C ALA B 85 -4.82 14.04 -4.02
N ALA B 86 -5.97 13.64 -4.57
CA ALA B 86 -6.59 14.39 -5.65
C ALA B 86 -6.93 15.79 -5.12
N ASP B 87 -7.59 15.85 -3.96
N ASP B 87 -7.53 15.86 -3.94
CA ASP B 87 -7.98 17.12 -3.34
CA ASP B 87 -7.98 17.11 -3.32
C ASP B 87 -6.76 18.00 -3.06
C ASP B 87 -6.79 17.99 -2.96
N LEU B 88 -5.60 17.39 -2.78
CA LEU B 88 -4.39 18.14 -2.51
C LEU B 88 -3.63 18.50 -3.80
N GLY B 89 -4.17 18.12 -4.96
CA GLY B 89 -3.66 18.62 -6.24
C GLY B 89 -2.53 17.77 -6.80
N LEU B 90 -2.48 16.47 -6.42
CA LEU B 90 -1.39 15.58 -6.77
C LEU B 90 -1.68 14.91 -8.12
N ASN B 91 -1.82 15.74 -9.16
CA ASN B 91 -2.30 15.27 -10.44
C ASN B 91 -1.21 14.59 -11.29
N LYS B 92 0.07 14.72 -10.94
CA LYS B 92 1.13 14.02 -11.67
C LYS B 92 1.47 12.66 -11.03
N GLY B 93 0.83 12.34 -9.90
CA GLY B 93 0.93 11.02 -9.30
C GLY B 93 1.49 11.06 -7.88
N TYR B 94 1.70 9.86 -7.31
CA TYR B 94 2.14 9.76 -5.93
C TYR B 94 2.52 8.31 -5.62
N ARG B 95 3.08 8.15 -4.42
CA ARG B 95 3.41 6.83 -3.89
C ARG B 95 2.78 6.62 -2.52
N MET B 96 2.15 5.43 -2.37
CA MET B 96 1.61 5.00 -1.09
C MET B 96 2.53 3.93 -0.50
N VAL B 97 2.74 4.00 0.82
CA VAL B 97 3.69 3.13 1.49
C VAL B 97 3.12 2.67 2.81
N VAL B 98 3.24 1.37 3.09
CA VAL B 98 3.05 0.83 4.43
C VAL B 98 4.33 0.13 4.82
N ASN B 99 4.84 0.46 6.02
CA ASN B 99 6.04 -0.11 6.59
C ASN B 99 5.63 -1.10 7.68
N GLU B 100 6.30 -2.25 7.67
CA GLU B 100 6.14 -3.25 8.71
C GLU B 100 7.48 -3.58 9.32
N GLY B 101 7.53 -3.46 10.65
CA GLY B 101 8.63 -4.01 11.42
C GLY B 101 9.92 -3.24 11.17
N SER B 102 11.01 -3.84 11.66
N SER B 102 11.03 -3.82 11.64
CA SER B 102 12.32 -3.22 11.67
CA SER B 102 12.31 -3.15 11.68
C SER B 102 12.83 -2.98 10.25
C SER B 102 12.88 -2.99 10.27
N ASP B 103 12.82 -4.04 9.44
CA ASP B 103 13.31 -3.95 8.08
C ASP B 103 12.45 -3.00 7.23
N GLY B 104 11.15 -2.96 7.50
CA GLY B 104 10.27 -2.04 6.79
C GLY B 104 10.45 -0.58 7.19
N GLY B 105 11.13 -0.33 8.32
CA GLY B 105 11.31 1.02 8.87
C GLY B 105 10.04 1.60 9.49
N GLN B 106 9.22 0.74 10.09
CA GLN B 106 7.98 1.16 10.70
C GLN B 106 8.31 1.98 11.95
N SER B 107 7.95 3.25 11.95
CA SER B 107 8.41 4.17 12.98
C SER B 107 7.45 4.24 14.17
N VAL B 108 6.19 3.82 13.99
CA VAL B 108 5.13 3.95 14.98
C VAL B 108 4.29 2.70 14.85
N TYR B 109 4.08 2.00 15.98
CA TYR B 109 3.35 0.75 16.03
C TYR B 109 1.86 1.07 16.12
N HIS B 110 1.38 1.79 15.11
CA HIS B 110 -0.01 2.03 14.78
C HIS B 110 -0.06 2.05 13.25
N VAL B 111 -0.83 1.16 12.62
CA VAL B 111 -0.80 1.04 11.17
C VAL B 111 -1.03 2.40 10.52
N HIS B 112 -0.22 2.73 9.50
CA HIS B 112 -0.33 4.01 8.82
C HIS B 112 0.05 3.84 7.36
N LEU B 113 -0.77 4.46 6.52
CA LEU B 113 -0.52 4.55 5.10
C LEU B 113 0.12 5.90 4.81
N HIS B 114 1.38 5.89 4.34
CA HIS B 114 2.00 7.09 3.80
C HIS B 114 1.51 7.37 2.39
N VAL B 115 1.33 8.67 2.09
CA VAL B 115 1.08 9.11 0.73
C VAL B 115 2.02 10.28 0.45
N LEU B 116 2.88 10.13 -0.56
CA LEU B 116 3.92 11.11 -0.86
C LEU B 116 3.83 11.51 -2.34
N GLY B 117 3.95 12.82 -2.60
CA GLY B 117 3.99 13.28 -3.99
C GLY B 117 4.43 14.74 -4.05
N GLY B 118 4.21 15.35 -5.23
CA GLY B 118 4.69 16.71 -5.48
C GLY B 118 6.16 16.74 -5.90
N ARG B 119 6.75 15.55 -6.11
CA ARG B 119 8.10 15.38 -6.63
C ARG B 119 8.17 14.02 -7.30
N GLN B 120 9.19 13.84 -8.13
CA GLN B 120 9.50 12.53 -8.68
C GLN B 120 9.93 11.60 -7.55
N MET B 121 9.20 10.49 -7.43
CA MET B 121 9.59 9.44 -6.50
C MET B 121 10.51 8.48 -7.24
N HIS B 122 11.56 7.97 -6.60
CA HIS B 122 12.60 7.21 -7.26
C HIS B 122 12.50 5.72 -6.96
N TRP B 123 13.30 4.94 -7.70
CA TRP B 123 13.35 3.50 -7.55
C TRP B 123 14.79 3.09 -7.32
N PRO B 124 15.13 2.20 -6.33
CA PRO B 124 14.14 1.51 -5.51
C PRO B 124 13.47 2.40 -4.46
N PRO B 125 12.37 1.92 -3.82
CA PRO B 125 11.59 2.71 -2.86
C PRO B 125 12.17 2.61 -1.46
N GLY B 126 13.43 3.04 -1.33
CA GLY B 126 14.25 2.72 -0.17
C GLY B 126 14.94 1.38 -0.30
O01 A1IQU C . 9.73 0.52 -16.23
N02 A1IQU C . 9.22 -0.80 -16.22
C03 A1IQU C . 8.76 -1.55 -17.41
O04 A1IQU C . 8.80 -1.15 -18.52
C05 A1IQU C . 8.27 -2.97 -17.12
C06 A1IQU C . 8.90 -4.02 -17.78
C07 A1IQU C . 8.50 -5.32 -17.49
C08 A1IQU C . 7.43 -5.58 -16.62
C09 A1IQU C . 6.86 -4.52 -15.92
C10 A1IQU C . 7.27 -3.22 -16.17
C11 A1IQU C . 7.16 -6.93 -16.32
N12 A1IQU C . 7.04 -7.15 -14.99
C13 A1IQU C . 6.85 -8.42 -14.50
C14 A1IQU C . 6.70 -8.57 -13.08
C15 A1IQU C . 6.53 -9.84 -12.59
C16 A1IQU C . 6.50 -10.97 -13.43
C17 A1IQU C . 6.65 -10.81 -14.82
C18 A1IQU C . 6.84 -9.49 -15.37
N19 A1IQU C . 6.99 -9.29 -16.79
C20 A1IQU C . 7.02 -10.20 -17.84
C21 A1IQU C . 7.19 -9.47 -19.04
C22 A1IQU C . 7.31 -8.12 -18.69
C23 A1IQU C . 7.18 -8.05 -17.26
S SO4 D . 8.16 -3.66 -11.98
O1 SO4 D . 8.94 -4.53 -12.81
O2 SO4 D . 8.25 -2.31 -12.36
O3 SO4 D . 6.80 -4.07 -12.08
O4 SO4 D . 8.67 -3.75 -10.62
S SO4 E . 7.21 8.67 9.73
O1 SO4 E . 7.68 7.29 9.52
O2 SO4 E . 7.14 9.38 8.46
O3 SO4 E . 5.87 8.68 10.32
O4 SO4 E . 8.14 9.37 10.60
#